data_6SVK
#
_entry.id   6SVK
#
_cell.length_a   48.677
_cell.length_b   48.677
_cell.length_c   177.846
_cell.angle_alpha   90.000
_cell.angle_beta   90.000
_cell.angle_gamma   120.000
#
_symmetry.space_group_name_H-M   'P 31 2 1'
#
loop_
_entity.id
_entity.type
_entity.pdbx_description
1 polymer 'Myeloid-derived growth factor'
2 non-polymer 'MALONATE ION'
3 water water
#
_entity_poly.entity_id   1
_entity_poly.type   'polypeptide(L)'
_entity_poly.pdbx_seq_one_letter_code
;VSEPTTVAFDVRPGGVVHSFSHNVGPGDKYTCMFTYASQGGTNEQWQMSLGTSEDHQHFTCTIWRPQGKSYLYFTQFKAE
VRGAEIEYAMAYSKAAFERESDVPLKTEEFEVTKTAVAHRPGAFKAELSKLVIVAKASRTEL
;
_entity_poly.pdbx_strand_id   A,B
#
# COMPACT_ATOMS: atom_id res chain seq x y z
N GLU A 3 10.71 15.46 4.25
CA GLU A 3 10.24 15.32 2.87
C GLU A 3 9.98 13.84 2.44
N PRO A 4 10.68 12.77 2.96
CA PRO A 4 10.28 11.38 2.59
C PRO A 4 8.83 11.10 2.97
N THR A 5 8.11 10.34 2.16
CA THR A 5 6.73 10.01 2.50
C THR A 5 6.67 8.74 3.34
N THR A 6 7.70 7.91 3.24
CA THR A 6 7.77 6.64 3.98
C THR A 6 8.94 6.64 4.94
N VAL A 7 8.66 6.28 6.20
CA VAL A 7 9.69 6.25 7.23
C VAL A 7 9.67 4.92 7.96
N ALA A 8 10.83 4.46 8.39
CA ALA A 8 10.94 3.24 9.19
C ALA A 8 10.90 3.63 10.66
N PHE A 9 10.33 2.76 11.49
CA PHE A 9 10.31 2.98 12.92
C PHE A 9 10.33 1.66 13.64
N ASP A 10 10.85 1.65 14.87
CA ASP A 10 10.95 0.43 15.64
C ASP A 10 9.76 0.26 16.54
N VAL A 11 9.15 -0.93 16.50
CA VAL A 11 8.05 -1.32 17.38
C VAL A 11 8.72 -2.16 18.42
N ARG A 12 8.68 -1.66 19.63
CA ARG A 12 9.43 -2.20 20.77
C ARG A 12 8.60 -3.02 21.74
N PRO A 13 9.07 -4.22 22.13
CA PRO A 13 8.39 -4.96 23.21
C PRO A 13 8.78 -4.36 24.58
N GLY A 14 8.37 -4.99 25.68
CA GLY A 14 8.71 -4.52 27.01
C GLY A 14 7.52 -4.02 27.81
N GLY A 15 6.38 -3.94 27.17
CA GLY A 15 5.12 -3.57 27.80
C GLY A 15 4.86 -2.11 28.05
N VAL A 16 5.78 -1.20 27.65
CA VAL A 16 5.60 0.23 27.89
C VAL A 16 4.95 0.85 26.65
N VAL A 17 4.09 1.84 26.83
CA VAL A 17 3.37 2.46 25.71
C VAL A 17 4.34 3.36 24.96
N HIS A 18 4.38 3.23 23.61
CA HIS A 18 5.23 4.07 22.78
C HIS A 18 4.35 4.67 21.71
N SER A 19 4.77 5.79 21.14
CA SER A 19 4.07 6.39 20.02
C SER A 19 5.07 6.73 18.94
N PHE A 20 4.67 6.56 17.69
CA PHE A 20 5.49 6.99 16.58
C PHE A 20 4.59 7.78 15.64
N SER A 21 5.06 8.91 15.16
CA SER A 21 4.28 9.71 14.24
C SER A 21 5.11 10.25 13.07
N HIS A 22 4.44 10.53 11.98
CA HIS A 22 5.05 11.11 10.79
C HIS A 22 4.07 12.14 10.26
N ASN A 23 4.59 13.23 9.73
CA ASN A 23 3.73 14.25 9.12
C ASN A 23 4.32 14.66 7.80
N VAL A 24 3.46 15.01 6.85
CA VAL A 24 3.86 15.52 5.53
C VAL A 24 2.96 16.71 5.20
N GLY A 25 3.37 17.48 4.20
CA GLY A 25 2.54 18.59 3.71
C GLY A 25 2.76 19.90 4.40
N PRO A 26 2.27 20.99 3.76
CA PRO A 26 2.44 22.34 4.36
C PRO A 26 1.83 22.44 5.75
N GLY A 27 2.62 22.92 6.71
CA GLY A 27 2.22 23.04 8.11
C GLY A 27 1.87 21.71 8.76
N ASP A 28 2.53 20.61 8.30
CA ASP A 28 2.30 19.24 8.79
C ASP A 28 0.79 18.91 8.71
N LYS A 29 0.15 19.32 7.58
CA LYS A 29 -1.30 19.14 7.38
C LYS A 29 -1.79 17.69 7.67
N TYR A 30 -1.07 16.71 7.14
CA TYR A 30 -1.31 15.26 7.10
C TYR A 30 -0.45 14.60 8.20
N THR A 31 -1.07 14.22 9.34
CA THR A 31 -0.34 13.61 10.45
C THR A 31 -0.90 12.22 10.71
N CYS A 32 -0.01 11.25 11.00
CA CYS A 32 -0.44 9.92 11.35
C CYS A 32 0.37 9.47 12.53
N MET A 33 -0.28 8.96 13.59
CA MET A 33 0.38 8.51 14.82
C MET A 33 -0.02 7.09 15.16
N PHE A 34 0.93 6.27 15.53
CA PHE A 34 0.68 4.89 15.91
C PHE A 34 1.17 4.73 17.35
N THR A 35 0.24 4.40 18.25
CA THR A 35 0.51 4.23 19.70
C THR A 35 0.20 2.78 20.06
N TYR A 36 1.12 2.11 20.78
CA TYR A 36 0.96 0.68 21.09
C TYR A 36 1.76 0.33 22.35
N ALA A 37 1.58 -0.91 22.81
CA ALA A 37 2.38 -1.53 23.87
C ALA A 37 2.39 -3.01 23.50
N SER A 38 3.55 -3.66 23.67
CA SER A 38 3.63 -5.06 23.26
C SER A 38 4.60 -5.86 24.10
N GLN A 39 4.47 -7.21 24.03
CA GLN A 39 5.36 -8.20 24.66
C GLN A 39 6.07 -8.95 23.54
N GLY A 40 7.35 -9.30 23.79
CA GLY A 40 8.11 -10.07 22.82
C GLY A 40 9.60 -10.14 23.12
N GLY A 41 10.34 -10.76 22.20
CA GLY A 41 11.77 -10.99 22.35
C GLY A 41 12.67 -9.99 21.66
N THR A 42 12.25 -9.44 20.51
CA THR A 42 13.05 -8.49 19.74
C THR A 42 12.17 -7.34 19.18
N ASN A 43 12.83 -6.24 18.80
CA ASN A 43 12.19 -5.09 18.18
C ASN A 43 11.88 -5.48 16.73
N GLU A 44 10.93 -4.78 16.14
CA GLU A 44 10.54 -5.01 14.75
C GLU A 44 10.55 -3.70 14.04
N GLN A 45 11.28 -3.63 12.93
CA GLN A 45 11.29 -2.42 12.13
C GLN A 45 10.06 -2.39 11.22
N TRP A 46 9.12 -1.51 11.54
CA TRP A 46 7.91 -1.36 10.72
C TRP A 46 8.11 -0.16 9.81
N GLN A 47 7.10 0.13 8.97
CA GLN A 47 7.15 1.27 8.05
C GLN A 47 5.85 2.04 8.18
N MET A 48 5.91 3.35 8.00
CA MET A 48 4.72 4.21 7.99
C MET A 48 4.82 5.03 6.71
N SER A 49 3.79 4.96 5.84
CA SER A 49 3.83 5.71 4.60
C SER A 49 2.64 6.64 4.56
N LEU A 50 2.86 7.89 4.16
CA LEU A 50 1.78 8.85 4.02
C LEU A 50 1.68 9.22 2.56
N GLY A 51 0.51 9.02 1.97
CA GLY A 51 0.26 9.35 0.57
C GLY A 51 -0.71 10.51 0.51
N THR A 52 -0.57 11.38 -0.48
CA THR A 52 -1.44 12.54 -0.66
C THR A 52 -2.04 12.49 -2.07
N SER A 53 -3.26 12.94 -2.23
CA SER A 53 -3.94 12.92 -3.53
C SER A 53 -3.97 14.30 -4.18
N GLU A 54 -4.41 14.34 -5.45
CA GLU A 54 -4.51 15.54 -6.28
C GLU A 54 -5.50 16.58 -5.75
N ASP A 55 -6.51 16.15 -4.95
CA ASP A 55 -7.54 17.07 -4.47
C ASP A 55 -7.10 17.89 -3.26
N HIS A 56 -5.84 17.67 -2.78
CA HIS A 56 -5.26 18.41 -1.65
C HIS A 56 -6.02 18.13 -0.32
N GLN A 57 -6.84 17.06 -0.27
CA GLN A 57 -7.66 16.73 0.89
C GLN A 57 -7.49 15.28 1.31
N HIS A 58 -7.64 14.35 0.35
CA HIS A 58 -7.50 12.93 0.63
C HIS A 58 -6.07 12.54 0.87
N PHE A 59 -5.86 11.70 1.87
CA PHE A 59 -4.51 11.19 2.15
C PHE A 59 -4.61 9.81 2.74
N THR A 60 -3.52 9.08 2.67
CA THR A 60 -3.53 7.73 3.21
C THR A 60 -2.41 7.55 4.19
N CYS A 61 -2.66 6.75 5.22
CA CYS A 61 -1.62 6.35 6.14
C CYS A 61 -1.60 4.82 6.13
N THR A 62 -0.45 4.23 5.79
CA THR A 62 -0.28 2.77 5.76
C THR A 62 0.85 2.44 6.73
N ILE A 63 0.55 1.58 7.71
CA ILE A 63 1.50 1.19 8.76
C ILE A 63 1.66 -0.32 8.64
N TRP A 64 2.88 -0.82 8.46
CA TRP A 64 3.00 -2.25 8.29
C TRP A 64 4.36 -2.79 8.62
N ARG A 65 4.40 -4.10 8.81
CA ARG A 65 5.65 -4.81 9.04
C ARG A 65 6.02 -5.54 7.72
N PRO A 66 7.17 -5.19 7.10
CA PRO A 66 7.57 -5.89 5.85
C PRO A 66 7.58 -7.41 6.00
N GLN A 67 7.07 -8.11 4.96
CA GLN A 67 6.89 -9.56 4.84
C GLN A 67 5.61 -10.05 5.53
N GLY A 68 4.90 -9.13 6.15
CA GLY A 68 3.54 -9.38 6.67
C GLY A 68 3.35 -10.17 7.94
N LYS A 69 4.42 -10.56 8.62
CA LYS A 69 4.32 -11.32 9.88
C LYS A 69 4.98 -10.55 11.01
N SER A 70 4.25 -10.35 12.10
CA SER A 70 4.77 -9.73 13.31
C SER A 70 4.67 -10.82 14.40
N TYR A 71 5.64 -10.85 15.33
CA TYR A 71 5.69 -11.81 16.42
C TYR A 71 5.32 -11.17 17.76
N LEU A 72 5.10 -9.85 17.76
CA LEU A 72 4.80 -9.15 18.99
C LEU A 72 3.39 -9.41 19.48
N TYR A 73 3.24 -9.49 20.82
CA TYR A 73 1.93 -9.67 21.44
C TYR A 73 1.47 -8.29 21.82
N PHE A 74 0.68 -7.66 20.95
CA PHE A 74 0.21 -6.28 21.23
C PHE A 74 -0.87 -6.29 22.29
N THR A 75 -0.71 -5.48 23.34
CA THR A 75 -1.74 -5.38 24.39
C THR A 75 -2.68 -4.19 24.09
N GLN A 76 -2.24 -3.29 23.18
CA GLN A 76 -3.04 -2.15 22.72
C GLN A 76 -2.45 -1.60 21.45
N PHE A 77 -3.28 -0.95 20.65
CA PHE A 77 -2.82 -0.22 19.47
C PHE A 77 -3.87 0.82 19.12
N LYS A 78 -3.40 1.92 18.55
CA LYS A 78 -4.26 3.00 18.07
C LYS A 78 -3.51 3.75 16.98
N ALA A 79 -4.05 3.80 15.76
CA ALA A 79 -3.50 4.61 14.67
C ALA A 79 -4.46 5.84 14.58
N GLU A 80 -3.94 7.07 14.71
CA GLU A 80 -4.77 8.27 14.72
C GLU A 80 -4.35 9.27 13.66
N VAL A 81 -5.35 9.91 13.03
CA VAL A 81 -5.16 10.97 12.05
C VAL A 81 -5.94 12.16 12.62
N ARG A 82 -5.32 12.91 13.54
CA ARG A 82 -5.92 14.07 14.21
C ARG A 82 -6.32 15.13 13.18
N GLY A 83 -7.50 15.73 13.37
CA GLY A 83 -8.03 16.77 12.49
C GLY A 83 -8.60 16.30 11.17
N ALA A 84 -8.55 14.98 10.90
CA ALA A 84 -9.02 14.38 9.65
C ALA A 84 -10.26 13.54 9.85
N GLU A 85 -10.85 13.05 8.73
CA GLU A 85 -11.99 12.14 8.81
C GLU A 85 -11.65 10.90 8.04
N ILE A 86 -11.72 9.75 8.71
CA ILE A 86 -11.46 8.46 8.07
C ILE A 86 -12.60 8.15 7.09
N GLU A 87 -12.27 7.67 5.90
CA GLU A 87 -13.25 7.28 4.89
C GLU A 87 -13.23 5.75 4.75
N TYR A 88 -12.06 5.14 4.90
CA TYR A 88 -11.86 3.68 4.83
C TYR A 88 -10.71 3.30 5.73
N ALA A 89 -10.84 2.16 6.41
CA ALA A 89 -9.75 1.63 7.23
C ALA A 89 -9.89 0.13 7.37
N MET A 90 -8.76 -0.56 7.47
CA MET A 90 -8.71 -2.01 7.70
C MET A 90 -7.44 -2.35 8.47
N ALA A 91 -7.55 -3.32 9.37
CA ALA A 91 -6.45 -3.79 10.21
C ALA A 91 -6.31 -5.25 9.93
N TYR A 92 -5.04 -5.73 9.90
CA TYR A 92 -4.74 -7.12 9.57
C TYR A 92 -3.86 -7.77 10.60
N SER A 93 -4.12 -9.04 10.90
CA SER A 93 -3.23 -9.82 11.78
C SER A 93 -2.00 -10.24 10.97
N LYS A 94 -2.20 -10.55 9.68
CA LYS A 94 -1.12 -10.98 8.80
C LYS A 94 -1.34 -10.31 7.45
N ALA A 95 -0.24 -9.93 6.79
CA ALA A 95 -0.34 -9.32 5.47
C ALA A 95 0.21 -10.29 4.40
N ALA A 96 -0.28 -10.19 3.16
CA ALA A 96 0.12 -11.05 2.03
C ALA A 96 1.60 -10.92 1.71
N PHE A 97 2.25 -12.07 1.50
CA PHE A 97 3.66 -12.18 1.16
C PHE A 97 3.89 -13.62 0.75
N GLU A 98 4.56 -13.84 -0.37
CA GLU A 98 4.86 -15.17 -0.92
C GLU A 98 3.60 -16.05 -0.98
N ARG A 99 3.51 -17.17 -0.20
CA ARG A 99 2.31 -18.06 -0.24
C ARG A 99 1.16 -17.65 0.71
N GLU A 100 1.38 -16.66 1.59
CA GLU A 100 0.42 -16.20 2.59
C GLU A 100 -0.53 -15.11 2.05
N SER A 101 -1.81 -15.17 2.46
CA SER A 101 -2.84 -14.20 2.12
C SER A 101 -2.92 -13.12 3.22
N ASP A 102 -3.52 -11.94 2.91
CA ASP A 102 -3.82 -10.90 3.93
C ASP A 102 -4.84 -11.58 4.82
N VAL A 103 -4.79 -11.31 6.12
CA VAL A 103 -5.73 -11.87 7.08
C VAL A 103 -6.27 -10.69 7.87
N PRO A 104 -7.49 -10.19 7.54
CA PRO A 104 -8.04 -9.05 8.30
C PRO A 104 -8.34 -9.41 9.75
N LEU A 105 -8.23 -8.45 10.65
CA LEU A 105 -8.65 -8.70 12.03
C LEU A 105 -10.18 -8.98 12.01
N LYS A 106 -10.66 -9.76 12.98
CA LYS A 106 -12.07 -10.09 13.06
C LYS A 106 -12.86 -8.87 13.49
N THR A 107 -14.15 -8.82 13.11
CA THR A 107 -15.08 -7.71 13.40
C THR A 107 -14.93 -7.15 14.82
N GLU A 108 -14.93 -8.04 15.83
CA GLU A 108 -14.91 -7.65 17.24
C GLU A 108 -13.57 -7.09 17.74
N GLU A 109 -12.49 -7.25 16.98
CA GLU A 109 -11.15 -6.91 17.48
C GLU A 109 -10.78 -5.45 17.48
N PHE A 110 -11.44 -4.63 16.68
CA PHE A 110 -11.03 -3.25 16.55
C PHE A 110 -12.21 -2.34 16.27
N GLU A 111 -11.97 -1.03 16.37
CA GLU A 111 -13.00 -0.03 16.16
C GLU A 111 -12.42 1.08 15.31
N VAL A 112 -13.23 1.58 14.37
CA VAL A 112 -12.87 2.72 13.51
C VAL A 112 -13.76 3.92 13.88
N THR A 113 -13.16 4.99 14.42
CA THR A 113 -13.91 6.20 14.75
C THR A 113 -13.55 7.23 13.67
N LYS A 114 -14.08 8.44 13.78
CA LYS A 114 -13.78 9.51 12.84
C LYS A 114 -12.27 9.71 12.64
N THR A 115 -11.49 9.63 13.72
CA THR A 115 -10.05 9.96 13.66
C THR A 115 -9.10 8.82 14.00
N ALA A 116 -9.59 7.61 14.36
CA ALA A 116 -8.67 6.56 14.79
C ALA A 116 -9.12 5.15 14.45
N VAL A 117 -8.14 4.23 14.38
CA VAL A 117 -8.38 2.79 14.24
C VAL A 117 -7.74 2.26 15.51
N ALA A 118 -8.53 1.67 16.41
CA ALA A 118 -7.97 1.21 17.68
C ALA A 118 -8.41 -0.16 18.06
N HIS A 119 -7.62 -0.85 18.90
CA HIS A 119 -7.98 -2.18 19.35
C HIS A 119 -9.21 -2.09 20.26
N ARG A 120 -9.97 -3.20 20.36
CA ARG A 120 -11.06 -3.29 21.30
C ARG A 120 -10.55 -4.04 22.53
N PRO A 121 -10.46 -3.37 23.71
CA PRO A 121 -10.00 -4.07 24.93
C PRO A 121 -10.80 -5.35 25.18
N GLY A 122 -10.11 -6.41 25.54
CA GLY A 122 -10.76 -7.69 25.82
C GLY A 122 -11.16 -8.55 24.63
N ALA A 123 -11.19 -8.01 23.42
CA ALA A 123 -11.55 -8.79 22.24
C ALA A 123 -10.40 -8.92 21.23
N PHE A 124 -9.52 -7.92 21.19
CA PHE A 124 -8.35 -7.95 20.29
C PHE A 124 -7.50 -9.17 20.62
N LYS A 125 -7.06 -9.93 19.58
CA LYS A 125 -6.31 -11.19 19.73
C LYS A 125 -4.78 -11.01 19.80
N ALA A 126 -4.30 -9.74 19.80
CA ALA A 126 -2.89 -9.35 19.99
C ALA A 126 -1.93 -9.46 18.78
N GLU A 127 -2.42 -9.91 17.63
CA GLU A 127 -1.55 -10.02 16.46
C GLU A 127 -1.90 -8.96 15.44
N LEU A 128 -0.90 -8.19 15.01
CA LEU A 128 -1.15 -7.10 14.04
C LEU A 128 0.07 -6.93 13.17
N SER A 129 -0.12 -6.80 11.85
CA SER A 129 1.04 -6.56 10.99
C SER A 129 0.80 -5.48 9.94
N LYS A 130 -0.45 -4.97 9.83
CA LYS A 130 -0.76 -3.95 8.82
C LYS A 130 -2.04 -3.21 9.16
N LEU A 131 -2.02 -1.90 8.90
CA LEU A 131 -3.16 -1.01 9.06
C LEU A 131 -3.19 -0.15 7.83
N VAL A 132 -4.36 0.03 7.25
CA VAL A 132 -4.52 0.91 6.07
C VAL A 132 -5.60 1.92 6.43
N ILE A 133 -5.31 3.23 6.24
CA ILE A 133 -6.29 4.30 6.53
C ILE A 133 -6.37 5.25 5.35
N VAL A 134 -7.58 5.48 4.83
CA VAL A 134 -7.82 6.47 3.77
C VAL A 134 -8.62 7.53 4.47
N ALA A 135 -8.17 8.80 4.44
CA ALA A 135 -8.83 9.86 5.17
C ALA A 135 -8.92 11.15 4.37
N LYS A 136 -9.74 12.08 4.85
CA LYS A 136 -9.94 13.41 4.24
C LYS A 136 -9.50 14.46 5.29
N ALA A 137 -8.50 15.30 4.95
CA ALA A 137 -8.00 16.36 5.83
C ALA A 137 -8.96 17.54 5.86
N SER B 2 2.23 19.96 -1.64
CA SER B 2 2.12 20.71 -2.89
C SER B 2 2.06 19.78 -4.09
N GLU B 3 2.90 18.74 -4.09
CA GLU B 3 3.01 17.75 -5.15
C GLU B 3 2.35 16.44 -4.68
N PRO B 4 1.29 15.94 -5.37
CA PRO B 4 0.63 14.72 -4.89
C PRO B 4 1.46 13.45 -5.13
N THR B 5 1.43 12.54 -4.15
CA THR B 5 2.13 11.29 -4.34
C THR B 5 1.25 10.28 -5.08
N THR B 6 -0.09 10.46 -4.97
CA THR B 6 -1.07 9.54 -5.55
C THR B 6 -1.93 10.24 -6.57
N VAL B 7 -2.08 9.61 -7.75
CA VAL B 7 -2.87 10.15 -8.85
C VAL B 7 -3.83 9.12 -9.39
N ALA B 8 -5.01 9.57 -9.86
CA ALA B 8 -6.01 8.68 -10.45
C ALA B 8 -5.77 8.67 -11.96
N PHE B 9 -6.04 7.54 -12.60
CA PHE B 9 -5.93 7.43 -14.06
C PHE B 9 -6.94 6.40 -14.53
N ASP B 10 -7.39 6.55 -15.77
CA ASP B 10 -8.33 5.62 -16.34
C ASP B 10 -7.65 4.50 -17.07
N VAL B 11 -8.07 3.28 -16.77
CA VAL B 11 -7.63 2.06 -17.46
C VAL B 11 -8.73 1.81 -18.45
N ARG B 12 -8.38 1.88 -19.73
CA ARG B 12 -9.34 1.86 -20.83
C ARG B 12 -9.40 0.55 -21.59
N PRO B 13 -10.61 0.02 -21.90
CA PRO B 13 -10.70 -1.13 -22.80
C PRO B 13 -10.60 -0.67 -24.27
N GLY B 14 -10.89 -1.57 -25.20
CA GLY B 14 -10.85 -1.27 -26.63
C GLY B 14 -9.72 -1.96 -27.37
N GLY B 15 -8.82 -2.61 -26.62
CA GLY B 15 -7.71 -3.40 -27.17
C GLY B 15 -6.47 -2.66 -27.63
N VAL B 16 -6.46 -1.33 -27.54
CA VAL B 16 -5.31 -0.53 -27.97
C VAL B 16 -4.37 -0.29 -26.79
N VAL B 17 -3.06 -0.23 -27.04
CA VAL B 17 -2.09 -0.01 -25.97
C VAL B 17 -2.18 1.42 -25.45
N HIS B 18 -2.18 1.60 -24.12
CA HIS B 18 -2.17 2.92 -23.47
C HIS B 18 -1.03 2.93 -22.48
N SER B 19 -0.55 4.12 -22.09
CA SER B 19 0.48 4.22 -21.08
C SER B 19 0.19 5.38 -20.18
N PHE B 20 0.47 5.23 -18.88
CA PHE B 20 0.28 6.31 -17.90
C PHE B 20 1.51 6.38 -17.00
N SER B 21 1.93 7.57 -16.62
CA SER B 21 3.08 7.69 -15.72
C SER B 21 2.91 8.77 -14.68
N HIS B 22 3.65 8.63 -13.58
CA HIS B 22 3.69 9.61 -12.51
C HIS B 22 5.11 9.74 -12.01
N ASN B 23 5.41 10.87 -11.45
CA ASN B 23 6.71 11.19 -10.89
C ASN B 23 6.53 12.09 -9.67
N VAL B 24 7.45 12.00 -8.70
CA VAL B 24 7.48 12.88 -7.55
C VAL B 24 8.91 13.39 -7.40
N GLY B 25 9.07 14.56 -6.82
CA GLY B 25 10.35 15.21 -6.56
C GLY B 25 11.05 15.76 -7.79
N PRO B 26 12.23 16.42 -7.67
CA PRO B 26 12.89 16.98 -8.87
C PRO B 26 13.38 15.95 -9.88
N GLY B 27 13.36 16.32 -11.17
CA GLY B 27 13.73 15.46 -12.28
C GLY B 27 12.86 14.24 -12.42
N ASP B 28 13.43 13.13 -12.86
CA ASP B 28 12.59 11.95 -12.98
C ASP B 28 13.14 10.74 -12.26
N LYS B 29 13.95 10.98 -11.21
CA LYS B 29 14.54 9.98 -10.33
C LYS B 29 13.46 9.00 -9.88
N TYR B 30 12.32 9.53 -9.40
CA TYR B 30 11.24 8.64 -8.99
C TYR B 30 10.13 8.68 -10.01
N THR B 31 10.16 7.75 -10.94
CA THR B 31 9.16 7.65 -11.97
C THR B 31 8.58 6.26 -12.00
N CYS B 32 7.32 6.18 -12.33
CA CYS B 32 6.67 4.89 -12.50
C CYS B 32 5.74 4.98 -13.69
N MET B 33 5.77 3.95 -14.55
CA MET B 33 4.99 3.93 -15.77
C MET B 33 4.15 2.68 -15.77
N PHE B 34 2.97 2.72 -16.42
CA PHE B 34 2.15 1.53 -16.55
C PHE B 34 1.62 1.53 -17.95
N THR B 35 1.97 0.49 -18.73
CA THR B 35 1.57 0.30 -20.13
C THR B 35 0.76 -0.99 -20.24
N TYR B 36 -0.41 -0.95 -20.89
CA TYR B 36 -1.31 -2.10 -20.96
C TYR B 36 -2.20 -2.01 -22.19
N ALA B 37 -2.97 -3.07 -22.43
CA ALA B 37 -4.04 -3.12 -23.42
C ALA B 37 -5.07 -4.03 -22.84
N SER B 38 -6.35 -3.68 -22.98
CA SER B 38 -7.38 -4.52 -22.41
C SER B 38 -8.66 -4.52 -23.19
N GLN B 39 -9.50 -5.50 -22.93
CA GLN B 39 -10.78 -5.59 -23.57
C GLN B 39 -11.87 -5.67 -22.51
N GLY B 40 -12.98 -5.01 -22.78
CA GLY B 40 -14.05 -4.94 -21.78
C GLY B 40 -15.14 -3.97 -22.14
N GLY B 41 -16.06 -3.81 -21.22
CA GLY B 41 -17.24 -2.99 -21.41
C GLY B 41 -17.16 -1.56 -20.93
N THR B 42 -16.38 -1.28 -19.86
CA THR B 42 -16.26 0.08 -19.29
C THR B 42 -14.84 0.42 -18.84
N ASN B 43 -14.55 1.73 -18.68
CA ASN B 43 -13.27 2.22 -18.16
C ASN B 43 -13.25 1.97 -16.66
N GLU B 44 -12.05 1.89 -16.09
CA GLU B 44 -11.86 1.69 -14.66
C GLU B 44 -10.92 2.75 -14.13
N GLN B 45 -11.32 3.46 -13.07
CA GLN B 45 -10.42 4.46 -12.50
C GLN B 45 -9.48 3.79 -11.50
N TRP B 46 -8.21 3.69 -11.87
CA TRP B 46 -7.19 3.09 -11.01
C TRP B 46 -6.42 4.22 -10.32
N GLN B 47 -5.47 3.86 -9.46
CA GLN B 47 -4.64 4.82 -8.74
C GLN B 47 -3.19 4.41 -8.90
N MET B 48 -2.28 5.40 -8.93
CA MET B 48 -0.85 5.13 -8.94
C MET B 48 -0.24 5.95 -7.82
N SER B 49 0.50 5.32 -6.88
CA SER B 49 1.06 6.06 -5.76
C SER B 49 2.56 5.84 -5.73
N LEU B 50 3.31 6.91 -5.45
CA LEU B 50 4.77 6.82 -5.33
C LEU B 50 5.14 7.19 -3.93
N GLY B 51 5.87 6.31 -3.26
CA GLY B 51 6.36 6.54 -1.91
C GLY B 51 7.88 6.65 -1.94
N THR B 52 8.46 7.52 -1.13
CA THR B 52 9.90 7.75 -1.07
C THR B 52 10.40 7.48 0.34
N SER B 53 11.58 6.91 0.47
CA SER B 53 12.15 6.57 1.77
C SER B 53 13.20 7.59 2.24
N GLU B 54 13.59 7.45 3.51
CA GLU B 54 14.57 8.28 4.21
C GLU B 54 15.97 8.18 3.64
N ASP B 55 16.32 7.08 2.93
CA ASP B 55 17.66 6.94 2.39
C ASP B 55 17.85 7.66 1.05
N HIS B 56 16.77 8.32 0.57
CA HIS B 56 16.72 9.07 -0.69
C HIS B 56 17.14 8.21 -1.90
N GLN B 57 16.88 6.90 -1.80
CA GLN B 57 17.19 5.96 -2.88
C GLN B 57 16.01 5.01 -3.10
N HIS B 58 15.54 4.39 -2.01
CA HIS B 58 14.40 3.47 -2.11
C HIS B 58 13.09 4.19 -2.34
N PHE B 59 12.27 3.63 -3.23
CA PHE B 59 10.96 4.21 -3.48
C PHE B 59 10.00 3.12 -3.86
N THR B 60 8.72 3.37 -3.71
CA THR B 60 7.73 2.37 -4.06
C THR B 60 6.75 2.90 -5.06
N CYS B 61 6.34 2.05 -5.99
CA CYS B 61 5.26 2.39 -6.89
C CYS B 61 4.16 1.35 -6.66
N THR B 62 2.94 1.82 -6.36
CA THR B 62 1.79 0.94 -6.15
C THR B 62 0.73 1.37 -7.14
N ILE B 63 0.28 0.43 -7.99
CA ILE B 63 -0.72 0.67 -9.04
C ILE B 63 -1.89 -0.22 -8.70
N TRP B 64 -3.11 0.32 -8.54
CA TRP B 64 -4.19 -0.58 -8.17
C TRP B 64 -5.55 -0.05 -8.46
N ARG B 65 -6.55 -0.95 -8.39
CA ARG B 65 -7.92 -0.49 -8.54
C ARG B 65 -8.59 -0.48 -7.18
N PRO B 66 -9.13 0.68 -6.75
CA PRO B 66 -9.85 0.72 -5.47
C PRO B 66 -10.98 -0.30 -5.48
N GLN B 67 -11.07 -1.00 -4.38
CA GLN B 67 -12.00 -2.08 -4.06
C GLN B 67 -11.47 -3.44 -4.50
N GLY B 68 -10.36 -3.40 -5.25
CA GLY B 68 -9.56 -4.58 -5.59
C GLY B 68 -10.06 -5.55 -6.62
N LYS B 69 -11.15 -5.23 -7.31
CA LYS B 69 -11.65 -6.11 -8.37
C LYS B 69 -11.67 -5.34 -9.70
N SER B 70 -11.05 -5.90 -10.71
CA SER B 70 -11.03 -5.36 -12.07
C SER B 70 -11.78 -6.37 -12.95
N TYR B 71 -12.53 -5.87 -13.94
CA TYR B 71 -13.31 -6.70 -14.87
C TYR B 71 -12.69 -6.68 -16.27
N LEU B 72 -11.61 -5.93 -16.46
CA LEU B 72 -10.95 -5.87 -17.77
C LEU B 72 -10.18 -7.13 -18.10
N TYR B 73 -10.18 -7.47 -19.38
CA TYR B 73 -9.44 -8.62 -19.88
C TYR B 73 -8.14 -8.05 -20.44
N PHE B 74 -7.09 -8.03 -19.63
CA PHE B 74 -5.80 -7.50 -20.06
C PHE B 74 -5.11 -8.44 -21.03
N THR B 75 -4.67 -7.91 -22.19
CA THR B 75 -3.91 -8.71 -23.18
C THR B 75 -2.41 -8.51 -22.97
N GLN B 76 -2.03 -7.46 -22.23
CA GLN B 76 -0.65 -7.15 -21.88
C GLN B 76 -0.59 -6.16 -20.73
N PHE B 77 0.50 -6.17 -20.01
CA PHE B 77 0.75 -5.15 -18.99
C PHE B 77 2.23 -5.11 -18.72
N LYS B 78 2.72 -3.93 -18.39
CA LYS B 78 4.11 -3.73 -18.01
C LYS B 78 4.19 -2.47 -17.13
N ALA B 79 4.65 -2.65 -15.90
CA ALA B 79 4.90 -1.52 -14.99
C ALA B 79 6.41 -1.34 -14.99
N GLU B 80 6.89 -0.10 -15.15
CA GLU B 80 8.33 0.12 -15.22
C GLU B 80 8.82 1.20 -14.32
N VAL B 81 10.05 1.00 -13.81
CA VAL B 81 10.77 1.98 -13.01
C VAL B 81 12.11 2.17 -13.74
N ARG B 82 12.05 2.86 -14.88
CA ARG B 82 13.21 3.13 -15.70
C ARG B 82 14.27 3.90 -14.93
N GLY B 83 15.54 3.49 -15.09
CA GLY B 83 16.68 4.07 -14.40
C GLY B 83 16.85 3.60 -12.96
N ALA B 84 15.97 2.72 -12.50
CA ALA B 84 16.03 2.21 -11.12
C ALA B 84 16.35 0.71 -11.14
N GLU B 85 16.33 0.06 -9.96
CA GLU B 85 16.48 -1.38 -9.86
C GLU B 85 15.42 -1.90 -8.93
N ILE B 86 14.63 -2.85 -9.41
CA ILE B 86 13.57 -3.46 -8.60
C ILE B 86 14.23 -4.32 -7.51
N GLU B 87 13.72 -4.23 -6.28
CA GLU B 87 14.21 -5.05 -5.17
C GLU B 87 13.13 -6.05 -4.77
N TYR B 88 11.87 -5.64 -4.87
CA TYR B 88 10.70 -6.48 -4.60
C TYR B 88 9.56 -6.08 -5.52
N ALA B 89 8.81 -7.06 -6.01
CA ALA B 89 7.65 -6.77 -6.81
C ALA B 89 6.67 -7.91 -6.72
N MET B 90 5.38 -7.58 -6.83
CA MET B 90 4.33 -8.56 -6.87
C MET B 90 3.15 -8.02 -7.68
N ALA B 91 2.48 -8.91 -8.39
CA ALA B 91 1.29 -8.60 -9.19
C ALA B 91 0.16 -9.44 -8.67
N TYR B 92 -1.04 -8.87 -8.66
CA TYR B 92 -2.22 -9.50 -8.08
C TYR B 92 -3.40 -9.54 -9.02
N SER B 93 -4.17 -10.64 -9.04
CA SER B 93 -5.41 -10.72 -9.83
C SER B 93 -6.50 -9.97 -9.09
N LYS B 94 -6.46 -10.01 -7.74
CA LYS B 94 -7.43 -9.34 -6.88
C LYS B 94 -6.69 -8.69 -5.72
N ALA B 95 -7.20 -7.58 -5.21
CA ALA B 95 -6.56 -6.88 -4.10
C ALA B 95 -7.47 -6.82 -2.87
N ALA B 96 -6.83 -6.70 -1.69
CA ALA B 96 -7.55 -6.63 -0.41
C ALA B 96 -8.48 -5.43 -0.31
N PHE B 97 -9.65 -5.68 0.23
CA PHE B 97 -10.70 -4.69 0.47
C PHE B 97 -11.69 -5.34 1.40
N GLU B 98 -12.06 -4.62 2.47
CA GLU B 98 -12.98 -5.10 3.50
C GLU B 98 -12.51 -6.49 4.04
N ARG B 99 -13.28 -7.56 3.84
CA ARG B 99 -12.92 -8.88 4.34
C ARG B 99 -12.06 -9.72 3.39
N GLU B 100 -11.91 -9.27 2.13
CA GLU B 100 -11.20 -9.97 1.04
C GLU B 100 -9.70 -9.76 1.09
N SER B 101 -8.94 -10.83 0.79
CA SER B 101 -7.47 -10.81 0.77
C SER B 101 -6.94 -10.50 -0.61
N ASP B 102 -5.68 -10.04 -0.66
CA ASP B 102 -4.90 -9.88 -1.87
C ASP B 102 -4.78 -11.31 -2.45
N VAL B 103 -4.81 -11.44 -3.79
CA VAL B 103 -4.68 -12.72 -4.49
C VAL B 103 -3.56 -12.56 -5.51
N PRO B 104 -2.34 -13.06 -5.23
CA PRO B 104 -1.24 -12.91 -6.18
C PRO B 104 -1.44 -13.64 -7.50
N LEU B 105 -0.88 -13.11 -8.60
CA LEU B 105 -0.86 -13.82 -9.86
C LEU B 105 -0.03 -15.09 -9.67
N LYS B 106 -0.31 -16.13 -10.46
CA LYS B 106 0.44 -17.37 -10.36
C LYS B 106 1.84 -17.16 -10.94
N THR B 107 2.82 -17.93 -10.48
CA THR B 107 4.24 -17.91 -10.89
C THR B 107 4.40 -17.70 -12.40
N GLU B 108 3.71 -18.50 -13.23
CA GLU B 108 3.86 -18.49 -14.69
C GLU B 108 3.31 -17.25 -15.40
N GLU B 109 2.51 -16.44 -14.70
CA GLU B 109 1.80 -15.35 -15.35
C GLU B 109 2.58 -14.08 -15.62
N PHE B 110 3.67 -13.86 -14.90
CA PHE B 110 4.43 -12.61 -15.02
C PHE B 110 5.92 -12.80 -14.83
N GLU B 111 6.67 -11.73 -15.13
CA GLU B 111 8.11 -11.74 -15.02
C GLU B 111 8.57 -10.41 -14.42
N VAL B 112 9.60 -10.47 -13.59
CA VAL B 112 10.21 -9.29 -12.96
C VAL B 112 11.66 -9.14 -13.49
N THR B 113 11.95 -8.09 -14.27
CA THR B 113 13.29 -7.80 -14.75
C THR B 113 13.82 -6.63 -13.90
N LYS B 114 15.03 -6.14 -14.21
CA LYS B 114 15.60 -5.04 -13.43
C LYS B 114 14.65 -3.84 -13.28
N THR B 115 13.96 -3.45 -14.38
CA THR B 115 13.14 -2.23 -14.34
C THR B 115 11.66 -2.46 -14.59
N ALA B 116 11.24 -3.72 -14.80
CA ALA B 116 9.83 -3.91 -15.11
C ALA B 116 9.19 -5.11 -14.50
N VAL B 117 7.87 -5.04 -14.31
CA VAL B 117 7.02 -6.17 -13.93
C VAL B 117 6.10 -6.30 -15.12
N ALA B 118 6.17 -7.43 -15.85
CA ALA B 118 5.40 -7.55 -17.08
C ALA B 118 4.68 -8.88 -17.19
N HIS B 119 3.60 -8.91 -17.97
CA HIS B 119 2.89 -10.16 -18.19
C HIS B 119 3.77 -11.14 -18.99
N ARG B 120 3.46 -12.43 -18.85
CA ARG B 120 4.10 -13.45 -19.67
C ARG B 120 3.16 -13.79 -20.82
N PRO B 121 3.54 -13.47 -22.08
CA PRO B 121 2.66 -13.80 -23.22
C PRO B 121 2.25 -15.25 -23.21
N GLY B 122 1.00 -15.51 -23.51
CA GLY B 122 0.46 -16.85 -23.56
C GLY B 122 -0.07 -17.34 -22.25
N ALA B 123 0.70 -17.15 -21.11
CA ALA B 123 0.41 -17.72 -19.77
C ALA B 123 -0.40 -16.84 -18.82
N PHE B 124 -0.30 -15.52 -19.00
CA PHE B 124 -1.07 -14.56 -18.19
C PHE B 124 -2.56 -14.84 -18.36
N LYS B 125 -3.33 -14.90 -17.24
CA LYS B 125 -4.75 -15.24 -17.25
C LYS B 125 -5.71 -14.04 -17.48
N ALA B 126 -5.14 -12.85 -17.75
CA ALA B 126 -5.83 -11.61 -18.17
C ALA B 126 -6.49 -10.80 -17.01
N GLU B 127 -6.38 -11.24 -15.76
CA GLU B 127 -6.98 -10.52 -14.63
C GLU B 127 -5.92 -9.87 -13.78
N LEU B 128 -6.05 -8.56 -13.55
CA LEU B 128 -5.06 -7.83 -12.74
C LEU B 128 -5.72 -6.68 -12.02
N SER B 129 -5.42 -6.48 -10.75
CA SER B 129 -6.00 -5.35 -10.03
C SER B 129 -5.00 -4.61 -9.16
N LYS B 130 -3.75 -5.11 -9.04
CA LYS B 130 -2.73 -4.44 -8.20
C LYS B 130 -1.34 -4.88 -8.57
N LEU B 131 -0.40 -3.92 -8.49
CA LEU B 131 1.03 -4.17 -8.72
C LEU B 131 1.74 -3.39 -7.66
N VAL B 132 2.74 -4.01 -7.02
CA VAL B 132 3.53 -3.35 -5.99
C VAL B 132 4.99 -3.48 -6.40
N ILE B 133 5.72 -2.37 -6.42
CA ILE B 133 7.15 -2.37 -6.77
C ILE B 133 7.93 -1.61 -5.72
N VAL B 134 8.96 -2.22 -5.15
CA VAL B 134 9.89 -1.56 -4.24
C VAL B 134 11.17 -1.51 -5.07
N ALA B 135 11.74 -0.31 -5.27
CA ALA B 135 12.91 -0.16 -6.13
C ALA B 135 13.92 0.77 -5.51
N LYS B 136 15.14 0.76 -6.05
CA LYS B 136 16.25 1.62 -5.64
C LYS B 136 16.60 2.51 -6.84
N ALA B 137 16.52 3.85 -6.66
CA ALA B 137 16.85 4.84 -7.70
C ALA B 137 18.34 4.98 -7.84
#